data_1QCF
#
_entry.id   1QCF
#
_cell.length_a   51.015
_cell.length_b   99.002
_cell.length_c   103.387
_cell.angle_alpha   90
_cell.angle_beta   90
_cell.angle_gamma   90
#
_symmetry.space_group_name_H-M   'P 21 21 21'
#
loop_
_entity.id
_entity.type
_entity.pdbx_description
1 polymer 'Tyrosine-protein kinase HCK'
2 non-polymer 1-TER-BUTYL-3-P-TOLYL-1H-PYRAZOLO[3,4-D]PYRIMIDIN-4-YLAMINE
3 water water
#
_entity_poly.entity_id   1
_entity_poly.type   'polypeptide(L)'
_entity_poly.pdbx_seq_one_letter_code
;GAMGSGIRIIVVALYDYEAIHHEDLSFQKGDQMVVLEESGEWWKARSLATRKEGYIPSNYVARVDSLETEEWFFKGISRK
DAERQLLAPGNMLGSFMIRDSETTKGSYSLSVRDYDPRQGDTVKHYKIRTLDNGGFYISPRSTFSTLQELVDHYKKGNDG
LCQKLSVPCMSSKPQKPWEKDAWEIPRESLKLEKKLGAGQFGEVWMATYNKHTKVAVKTMKPGSMSVEAFLAEANVMKTL
QHDKLVKLHAVVTKEPIYIITEFMAKGSLLDFLKSDEGSKQPLPKLIDFSAQIAEGMAFIEQRNYIHRDLRAANILVSAS
LVCKIADFGLARVIEDNEYTAREGAKFPIKWTAPEAINFGSFTIKSDVWSFGILLMEIVTYGRIPYPGMSNPEVIRALER
GYRMPRPENCPEELYNIMMRCWKNRPEERPTFEYIQSVLDDFYTATESQ(PTR)EEIP
;
_entity_poly.pdbx_strand_id   A
#
# COMPACT_ATOMS: atom_id res chain seq x y z
N SER A 5 -2.54 -32.62 -16.63
CA SER A 5 -1.95 -33.85 -16.04
C SER A 5 -0.76 -33.48 -15.15
N GLY A 6 -0.19 -34.49 -14.50
CA GLY A 6 0.96 -34.26 -13.64
C GLY A 6 2.18 -33.94 -14.48
N ILE A 7 2.16 -32.75 -15.07
CA ILE A 7 3.26 -32.28 -15.90
C ILE A 7 4.29 -31.53 -15.06
N ARG A 8 5.57 -31.85 -15.27
CA ARG A 8 6.63 -31.21 -14.50
C ARG A 8 6.58 -29.71 -14.77
N ILE A 9 6.62 -28.92 -13.70
CA ILE A 9 6.57 -27.47 -13.83
C ILE A 9 7.95 -26.87 -13.59
N ILE A 10 8.39 -26.07 -14.57
CA ILE A 10 9.70 -25.43 -14.51
C ILE A 10 9.57 -23.91 -14.42
N VAL A 11 10.53 -23.27 -13.76
CA VAL A 11 10.54 -21.82 -13.62
C VAL A 11 11.97 -21.31 -13.73
N VAL A 12 12.10 -20.01 -13.94
CA VAL A 12 13.41 -19.38 -14.04
C VAL A 12 13.54 -18.31 -12.96
N ALA A 13 14.72 -18.21 -12.37
CA ALA A 13 14.99 -17.24 -11.31
C ALA A 13 15.10 -15.81 -11.86
N LEU A 14 14.25 -14.93 -11.35
CA LEU A 14 14.24 -13.53 -11.76
C LEU A 14 15.30 -12.69 -11.05
N TYR A 15 15.87 -13.23 -9.96
CA TYR A 15 16.88 -12.53 -9.17
C TYR A 15 17.78 -13.56 -8.51
N ASP A 16 18.88 -13.10 -7.92
CA ASP A 16 19.78 -13.99 -7.21
C ASP A 16 19.14 -14.15 -5.83
N TYR A 17 19.43 -15.25 -5.14
CA TYR A 17 18.88 -15.43 -3.81
C TYR A 17 19.84 -16.25 -2.96
N GLU A 18 20.19 -15.71 -1.80
CA GLU A 18 21.11 -16.42 -0.91
C GLU A 18 20.32 -17.04 0.24
N ALA A 19 20.54 -18.33 0.46
CA ALA A 19 19.85 -19.03 1.52
C ALA A 19 20.24 -18.48 2.89
N ILE A 20 19.24 -18.12 3.67
CA ILE A 20 19.48 -17.59 5.01
C ILE A 20 18.85 -18.54 6.02
N HIS A 21 17.88 -19.33 5.54
CA HIS A 21 17.19 -20.31 6.38
C HIS A 21 17.71 -21.72 6.12
N HIS A 22 17.53 -22.59 7.11
CA HIS A 22 17.98 -23.98 7.05
C HIS A 22 17.66 -24.75 5.75
N GLU A 23 16.38 -24.81 5.40
CA GLU A 23 15.96 -25.54 4.21
C GLU A 23 15.96 -24.69 2.93
N ASP A 24 16.54 -23.51 3.00
CA ASP A 24 16.60 -22.61 1.86
C ASP A 24 17.46 -23.16 0.72
N LEU A 25 17.08 -22.79 -0.49
CA LEU A 25 17.81 -23.23 -1.68
C LEU A 25 18.31 -21.94 -2.31
N SER A 26 19.62 -21.80 -2.44
CA SER A 26 20.21 -20.61 -3.04
C SER A 26 20.26 -20.77 -4.55
N PHE A 27 20.06 -19.69 -5.27
CA PHE A 27 20.09 -19.71 -6.72
C PHE A 27 20.50 -18.34 -7.25
N GLN A 28 21.02 -18.30 -8.47
CA GLN A 28 21.43 -17.05 -9.05
C GLN A 28 20.48 -16.77 -10.22
N LYS A 29 20.24 -15.50 -10.51
CA LYS A 29 19.33 -15.11 -11.58
C LYS A 29 19.53 -15.96 -12.83
N GLY A 30 18.43 -16.30 -13.48
CA GLY A 30 18.50 -17.12 -14.68
C GLY A 30 18.36 -18.61 -14.46
N ASP A 31 18.94 -19.14 -13.39
CA ASP A 31 18.85 -20.58 -13.12
C ASP A 31 17.41 -21.07 -13.21
N GLN A 32 17.22 -22.28 -13.71
CA GLN A 32 15.89 -22.86 -13.83
C GLN A 32 15.67 -23.95 -12.78
N MET A 33 14.46 -24.01 -12.25
CA MET A 33 14.11 -24.98 -11.21
C MET A 33 12.76 -25.65 -11.43
N VAL A 34 12.62 -26.83 -10.84
CA VAL A 34 11.38 -27.60 -10.91
C VAL A 34 10.61 -27.35 -9.61
N VAL A 35 9.31 -27.07 -9.71
CA VAL A 35 8.50 -26.82 -8.53
C VAL A 35 7.95 -28.12 -7.92
N LEU A 36 8.26 -28.36 -6.65
CA LEU A 36 7.80 -29.58 -5.97
C LEU A 36 6.55 -29.34 -5.12
N GLU A 37 6.52 -28.22 -4.41
CA GLU A 37 5.37 -27.86 -3.58
C GLU A 37 5.10 -26.39 -3.82
N GLU A 38 3.84 -26.05 -4.03
CA GLU A 38 3.45 -24.68 -4.30
C GLU A 38 2.69 -24.17 -3.07
N SER A 39 3.41 -24.09 -1.95
CA SER A 39 2.85 -23.65 -0.67
C SER A 39 2.88 -22.14 -0.38
N GLY A 40 2.15 -21.37 -1.18
CA GLY A 40 2.09 -19.93 -0.95
C GLY A 40 3.35 -19.11 -1.18
N GLU A 41 3.77 -18.38 -0.14
CA GLU A 41 4.92 -17.50 -0.21
C GLU A 41 6.23 -18.24 -0.50
N TRP A 42 6.35 -19.46 0.02
CA TRP A 42 7.52 -20.28 -0.21
C TRP A 42 7.14 -21.52 -0.99
N TRP A 43 8.00 -21.90 -1.94
CA TRP A 43 7.78 -23.10 -2.75
C TRP A 43 8.96 -24.03 -2.55
N LYS A 44 8.70 -25.33 -2.58
CA LYS A 44 9.78 -26.30 -2.45
C LYS A 44 10.17 -26.56 -3.90
N ALA A 45 11.45 -26.39 -4.20
CA ALA A 45 11.93 -26.59 -5.57
C ALA A 45 13.14 -27.49 -5.65
N ARG A 46 13.54 -27.77 -6.89
CA ARG A 46 14.68 -28.63 -7.17
C ARG A 46 15.55 -27.94 -8.21
N SER A 47 16.84 -27.87 -7.94
CA SER A 47 17.78 -27.26 -8.88
C SER A 47 18.13 -28.20 -10.02
N LEU A 48 17.90 -27.74 -11.25
CA LEU A 48 18.22 -28.54 -12.42
C LEU A 48 19.73 -28.68 -12.55
N ALA A 49 20.45 -27.86 -11.79
CA ALA A 49 21.90 -27.89 -11.81
C ALA A 49 22.43 -28.91 -10.81
N THR A 50 22.45 -28.53 -9.54
CA THR A 50 22.94 -29.40 -8.47
C THR A 50 21.92 -30.44 -8.05
N ARG A 51 20.77 -30.46 -8.72
CA ARG A 51 19.70 -31.40 -8.38
C ARG A 51 19.30 -31.31 -6.92
N LYS A 52 19.72 -30.22 -6.25
CA LYS A 52 19.37 -30.06 -4.85
C LYS A 52 17.97 -29.52 -4.69
N GLU A 53 17.34 -29.86 -3.56
CA GLU A 53 15.98 -29.43 -3.27
C GLU A 53 15.95 -28.55 -2.03
N GLY A 54 15.03 -27.59 -2.04
CA GLY A 54 14.87 -26.68 -0.92
C GLY A 54 13.73 -25.71 -1.17
N TYR A 55 13.47 -24.84 -0.21
CA TYR A 55 12.38 -23.86 -0.35
C TYR A 55 12.92 -22.56 -0.94
N ILE A 56 12.14 -21.96 -1.83
CA ILE A 56 12.50 -20.71 -2.49
C ILE A 56 11.34 -19.73 -2.40
N PRO A 57 11.62 -18.42 -2.51
CA PRO A 57 10.62 -17.36 -2.46
C PRO A 57 9.82 -17.43 -3.76
N SER A 58 8.50 -17.62 -3.68
CA SER A 58 7.69 -17.72 -4.89
C SER A 58 7.71 -16.48 -5.78
N ASN A 59 8.00 -15.31 -5.20
CA ASN A 59 8.01 -14.07 -5.96
C ASN A 59 9.35 -13.82 -6.66
N TYR A 60 10.29 -14.72 -6.49
CA TYR A 60 11.60 -14.61 -7.12
C TYR A 60 11.71 -15.40 -8.41
N VAL A 61 10.66 -16.13 -8.77
CA VAL A 61 10.67 -16.94 -9.97
C VAL A 61 9.43 -16.73 -10.84
N ALA A 62 9.49 -17.24 -12.07
CA ALA A 62 8.37 -17.11 -13.00
C ALA A 62 8.48 -18.14 -14.11
N ARG A 63 7.37 -18.37 -14.82
CA ARG A 63 7.36 -19.31 -15.92
C ARG A 63 8.46 -18.92 -16.87
N VAL A 64 9.08 -19.91 -17.51
CA VAL A 64 10.17 -19.62 -18.44
C VAL A 64 9.68 -18.80 -19.63
N ASP A 65 10.53 -17.90 -20.10
CA ASP A 65 10.22 -17.03 -21.24
C ASP A 65 8.92 -16.24 -21.05
N SER A 66 8.36 -16.25 -19.83
CA SER A 66 7.14 -15.52 -19.57
C SER A 66 7.41 -14.03 -19.72
N LEU A 67 6.35 -13.24 -19.69
CA LEU A 67 6.46 -11.81 -19.85
C LEU A 67 7.11 -11.13 -18.64
N GLU A 68 7.11 -11.81 -17.49
CA GLU A 68 7.71 -11.24 -16.28
C GLU A 68 9.23 -11.33 -16.27
N THR A 69 9.80 -11.97 -17.28
CA THR A 69 11.26 -12.11 -17.35
C THR A 69 11.92 -10.92 -18.05
N GLU A 70 11.11 -10.04 -18.65
CA GLU A 70 11.63 -8.88 -19.35
C GLU A 70 11.88 -7.70 -18.41
N GLU A 71 12.91 -6.92 -18.73
CA GLU A 71 13.30 -5.76 -17.93
C GLU A 71 12.28 -4.64 -18.03
N TRP A 72 11.61 -4.55 -19.17
CA TRP A 72 10.62 -3.50 -19.41
C TRP A 72 9.18 -3.82 -19.01
N PHE A 73 8.92 -5.02 -18.49
CA PHE A 73 7.56 -5.37 -18.10
C PHE A 73 7.38 -5.32 -16.59
N PHE A 74 6.29 -4.70 -16.15
CA PHE A 74 5.98 -4.62 -14.72
C PHE A 74 4.64 -5.27 -14.45
N LYS A 75 4.70 -6.48 -13.90
CA LYS A 75 3.50 -7.26 -13.62
C LYS A 75 2.71 -6.80 -12.40
N GLY A 76 1.39 -6.81 -12.55
CA GLY A 76 0.50 -6.44 -11.46
C GLY A 76 0.57 -5.04 -10.89
N ILE A 77 1.08 -4.07 -11.66
CA ILE A 77 1.16 -2.71 -11.14
C ILE A 77 0.04 -1.87 -11.75
N SER A 78 -0.67 -1.12 -10.92
CA SER A 78 -1.78 -0.29 -11.39
C SER A 78 -1.26 0.97 -12.07
N ARG A 79 -2.16 1.67 -12.76
CA ARG A 79 -1.81 2.92 -13.41
C ARG A 79 -1.22 3.90 -12.39
N LYS A 80 -1.93 4.14 -11.29
CA LYS A 80 -1.46 5.07 -10.27
C LYS A 80 -0.08 4.71 -9.72
N ASP A 81 0.14 3.44 -9.41
CA ASP A 81 1.45 3.06 -8.90
C ASP A 81 2.52 3.17 -9.99
N ALA A 82 2.14 2.91 -11.23
CA ALA A 82 3.10 3.05 -12.33
C ALA A 82 3.57 4.51 -12.33
N GLU A 83 2.65 5.44 -12.10
CA GLU A 83 3.02 6.86 -12.10
C GLU A 83 3.94 7.20 -10.94
N ARG A 84 3.60 6.73 -9.74
CA ARG A 84 4.41 7.00 -8.56
C ARG A 84 5.83 6.45 -8.70
N GLN A 85 5.98 5.25 -9.25
CA GLN A 85 7.30 4.68 -9.39
C GLN A 85 8.13 5.38 -10.46
N LEU A 86 7.52 5.69 -11.60
CA LEU A 86 8.24 6.40 -12.66
C LEU A 86 8.65 7.80 -12.23
N LEU A 87 7.84 8.42 -11.37
CA LEU A 87 8.13 9.78 -10.90
C LEU A 87 9.12 9.81 -9.76
N ALA A 88 9.39 8.65 -9.18
CA ALA A 88 10.33 8.56 -8.07
C ALA A 88 11.72 8.98 -8.54
N PRO A 89 12.53 9.55 -7.63
CA PRO A 89 13.87 9.99 -8.00
C PRO A 89 14.71 8.83 -8.50
N GLY A 90 15.50 9.07 -9.55
CA GLY A 90 16.34 8.01 -10.08
C GLY A 90 15.95 7.67 -11.51
N ASN A 91 14.75 8.08 -11.89
CA ASN A 91 14.26 7.83 -13.23
C ASN A 91 14.54 9.06 -14.06
N MET A 92 14.37 8.94 -15.37
CA MET A 92 14.64 10.07 -16.23
C MET A 92 13.61 10.22 -17.33
N LEU A 93 13.78 11.30 -18.08
CA LEU A 93 12.90 11.63 -19.18
C LEU A 93 12.90 10.41 -20.11
N GLY A 94 11.71 9.92 -20.44
CA GLY A 94 11.61 8.76 -21.30
C GLY A 94 11.56 7.42 -20.56
N SER A 95 11.79 7.43 -19.25
CA SER A 95 11.74 6.19 -18.49
C SER A 95 10.34 5.60 -18.66
N PHE A 96 10.27 4.29 -18.84
CA PHE A 96 8.97 3.65 -19.08
C PHE A 96 8.81 2.28 -18.45
N MET A 97 7.64 1.70 -18.75
CA MET A 97 7.30 0.36 -18.32
C MET A 97 6.09 -0.06 -19.12
N ILE A 98 6.04 -1.34 -19.43
CA ILE A 98 4.90 -1.92 -20.13
C ILE A 98 4.26 -2.67 -18.97
N ARG A 99 2.95 -2.55 -18.83
CA ARG A 99 2.25 -3.20 -17.73
C ARG A 99 0.92 -3.72 -18.22
N ASP A 100 0.26 -4.54 -17.40
CA ASP A 100 -1.05 -5.09 -17.74
C ASP A 100 -2.03 -3.93 -17.71
N SER A 101 -2.94 -3.89 -18.66
CA SER A 101 -3.92 -2.80 -18.70
C SER A 101 -5.03 -3.03 -17.68
N GLU A 102 -5.38 -1.99 -16.94
CA GLU A 102 -6.46 -2.07 -15.95
C GLU A 102 -7.80 -1.84 -16.63
N THR A 103 -7.80 -1.01 -17.65
CA THR A 103 -9.01 -0.67 -18.40
C THR A 103 -9.46 -1.77 -19.35
N THR A 104 -8.50 -2.32 -20.09
CA THR A 104 -8.81 -3.36 -21.05
C THR A 104 -8.11 -4.65 -20.60
N LYS A 105 -8.80 -5.43 -19.78
CA LYS A 105 -8.23 -6.67 -19.26
C LYS A 105 -7.61 -7.53 -20.38
N GLY A 106 -6.46 -8.12 -20.09
CA GLY A 106 -5.80 -8.96 -21.08
C GLY A 106 -4.86 -8.21 -22.00
N SER A 107 -5.12 -6.92 -22.21
CA SER A 107 -4.29 -6.12 -23.07
C SER A 107 -3.17 -5.46 -22.27
N TYR A 108 -2.42 -4.58 -22.91
CA TYR A 108 -1.31 -3.91 -22.27
C TYR A 108 -1.35 -2.39 -22.41
N SER A 109 -0.53 -1.72 -21.61
CA SER A 109 -0.43 -0.27 -21.63
C SER A 109 1.02 0.14 -21.46
N LEU A 110 1.37 1.28 -22.04
CA LEU A 110 2.71 1.81 -21.94
C LEU A 110 2.67 3.08 -21.09
N SER A 111 3.59 3.18 -20.14
CA SER A 111 3.68 4.35 -19.28
C SER A 111 5.04 4.97 -19.52
N VAL A 112 5.04 6.26 -19.81
CA VAL A 112 6.27 6.99 -20.12
C VAL A 112 6.41 8.28 -19.33
N ARG A 113 7.61 8.51 -18.80
CA ARG A 113 7.84 9.74 -18.05
C ARG A 113 7.98 10.90 -19.04
N ASP A 114 7.29 12.00 -18.76
CA ASP A 114 7.30 13.17 -19.62
C ASP A 114 7.56 14.45 -18.82
N TYR A 115 7.65 15.57 -19.52
CA TYR A 115 7.89 16.85 -18.86
C TYR A 115 7.54 18.05 -19.72
N ASP A 116 6.89 19.04 -19.11
CA ASP A 116 6.55 20.29 -19.78
C ASP A 116 6.58 21.36 -18.69
N PRO A 117 6.93 22.59 -19.05
CA PRO A 117 7.00 23.68 -18.08
C PRO A 117 5.72 23.94 -17.26
N ARG A 118 4.57 23.63 -17.85
CA ARG A 118 3.29 23.88 -17.17
C ARG A 118 2.98 22.89 -16.05
N GLN A 119 3.12 21.60 -16.33
CA GLN A 119 2.83 20.56 -15.35
C GLN A 119 4.06 19.96 -14.68
N GLY A 120 5.23 20.17 -15.28
CA GLY A 120 6.45 19.62 -14.73
C GLY A 120 6.58 18.16 -15.12
N ASP A 121 7.20 17.35 -14.27
CA ASP A 121 7.36 15.94 -14.56
C ASP A 121 5.99 15.27 -14.50
N THR A 122 5.68 14.47 -15.51
CA THR A 122 4.42 13.75 -15.54
C THR A 122 4.63 12.38 -16.15
N VAL A 123 3.60 11.57 -16.09
CA VAL A 123 3.66 10.24 -16.66
C VAL A 123 2.46 10.11 -17.59
N LYS A 124 2.76 9.81 -18.85
CA LYS A 124 1.72 9.64 -19.86
C LYS A 124 1.49 8.16 -20.09
N HIS A 125 0.24 7.79 -20.33
CA HIS A 125 -0.13 6.39 -20.55
C HIS A 125 -0.72 6.18 -21.95
N TYR A 126 -0.28 5.13 -22.63
CA TYR A 126 -0.78 4.82 -23.97
C TYR A 126 -1.32 3.40 -24.04
N LYS A 127 -2.48 3.25 -24.65
CA LYS A 127 -3.07 1.92 -24.78
C LYS A 127 -2.31 1.17 -25.87
N ILE A 128 -1.96 -0.08 -25.59
CA ILE A 128 -1.28 -0.92 -26.57
C ILE A 128 -2.37 -1.90 -26.95
N ARG A 129 -2.84 -1.81 -28.19
CA ARG A 129 -3.93 -2.67 -28.64
C ARG A 129 -3.41 -4.01 -29.15
N THR A 130 -4.07 -5.08 -28.72
CA THR A 130 -3.70 -6.43 -29.14
C THR A 130 -4.56 -6.81 -30.32
N LEU A 131 -3.92 -6.96 -31.48
CA LEU A 131 -4.61 -7.33 -32.72
C LEU A 131 -4.84 -8.81 -32.79
N ASP A 132 -6.06 -9.21 -33.10
CA ASP A 132 -6.37 -10.61 -33.24
C ASP A 132 -5.48 -11.03 -34.41
N ASN A 133 -4.95 -12.25 -34.36
CA ASN A 133 -4.06 -12.76 -35.40
C ASN A 133 -2.68 -12.12 -35.29
N GLY A 134 -2.27 -11.84 -34.05
CA GLY A 134 -0.97 -11.26 -33.80
C GLY A 134 -0.81 -9.79 -34.15
N GLY A 135 -0.01 -9.09 -33.36
CA GLY A 135 0.24 -7.68 -33.61
C GLY A 135 0.02 -6.78 -32.39
N PHE A 136 0.81 -5.72 -32.31
CA PHE A 136 0.71 -4.76 -31.20
C PHE A 136 0.95 -3.36 -31.73
N TYR A 137 0.19 -2.39 -31.24
CA TYR A 137 0.39 -1.03 -31.68
C TYR A 137 -0.28 0.00 -30.81
N ILE A 138 0.28 1.20 -30.83
CA ILE A 138 -0.27 2.32 -30.10
C ILE A 138 -0.83 3.18 -31.24
N SER A 139 -0.14 3.12 -32.38
CA SER A 139 -0.49 3.86 -33.60
C SER A 139 -0.83 2.83 -34.68
N PRO A 140 -2.03 2.91 -35.29
CA PRO A 140 -2.33 1.93 -36.34
C PRO A 140 -1.29 2.02 -37.46
N ARG A 141 -0.43 3.03 -37.35
CA ARG A 141 0.63 3.28 -38.31
C ARG A 141 1.83 2.37 -38.05
N SER A 142 2.38 2.48 -36.84
CA SER A 142 3.54 1.68 -36.46
C SER A 142 3.15 0.40 -35.73
N THR A 143 2.81 -0.65 -36.47
CA THR A 143 2.43 -1.91 -35.86
C THR A 143 3.65 -2.81 -35.68
N PHE A 144 3.57 -3.72 -34.71
CA PHE A 144 4.68 -4.62 -34.41
C PHE A 144 4.21 -6.04 -34.13
N SER A 145 5.09 -7.01 -34.33
CA SER A 145 4.72 -8.39 -34.08
C SER A 145 4.86 -8.75 -32.61
N THR A 146 5.75 -8.06 -31.90
CA THR A 146 5.95 -8.33 -30.47
C THR A 146 6.17 -7.06 -29.67
N LEU A 147 5.89 -7.14 -28.38
CA LEU A 147 6.07 -5.99 -27.50
C LEU A 147 7.52 -5.51 -27.53
N GLN A 148 8.45 -6.46 -27.57
CA GLN A 148 9.88 -6.12 -27.60
C GLN A 148 10.20 -5.21 -28.78
N GLU A 149 9.64 -5.53 -29.94
CA GLU A 149 9.88 -4.73 -31.13
C GLU A 149 9.22 -3.37 -30.97
N LEU A 150 8.09 -3.35 -30.28
CA LEU A 150 7.37 -2.10 -30.05
C LEU A 150 8.30 -1.20 -29.25
N VAL A 151 8.94 -1.78 -28.23
CA VAL A 151 9.86 -1.05 -27.38
C VAL A 151 11.07 -0.57 -28.17
N ASP A 152 11.74 -1.49 -28.87
CA ASP A 152 12.91 -1.12 -29.66
C ASP A 152 12.63 0.03 -30.62
N HIS A 153 11.45 0.04 -31.22
CA HIS A 153 11.09 1.12 -32.14
C HIS A 153 11.04 2.45 -31.40
N TYR A 154 10.02 2.60 -30.55
CA TYR A 154 9.85 3.83 -29.78
C TYR A 154 11.08 4.14 -28.93
N LYS A 155 12.01 3.20 -28.89
CA LYS A 155 13.22 3.38 -28.12
C LYS A 155 14.17 4.15 -29.06
N LYS A 156 13.77 4.25 -30.32
CA LYS A 156 14.53 4.97 -31.35
C LYS A 156 13.62 6.08 -31.89
N GLY A 157 13.58 7.20 -31.20
CA GLY A 157 12.73 8.29 -31.65
C GLY A 157 11.30 8.10 -31.19
N ASN A 158 10.73 9.13 -30.59
CA ASN A 158 9.37 9.09 -30.06
C ASN A 158 8.29 8.69 -31.07
N ASP A 159 8.55 8.90 -32.36
CA ASP A 159 7.58 8.58 -33.39
C ASP A 159 6.15 8.85 -32.93
N GLY A 160 5.90 10.08 -32.47
CA GLY A 160 4.57 10.42 -32.03
C GLY A 160 4.40 10.43 -30.52
N LEU A 161 4.99 9.47 -29.83
CA LEU A 161 4.87 9.40 -28.38
C LEU A 161 5.36 10.70 -27.76
N CYS A 162 4.77 11.07 -26.63
CA CYS A 162 5.14 12.30 -25.95
C CYS A 162 6.64 12.35 -25.74
N GLN A 163 7.29 11.20 -25.82
CA GLN A 163 8.73 11.14 -25.61
C GLN A 163 9.39 9.91 -26.19
N LYS A 164 10.71 9.96 -26.28
CA LYS A 164 11.52 8.86 -26.79
C LYS A 164 11.82 7.95 -25.60
N LEU A 165 11.48 6.67 -25.71
CA LEU A 165 11.72 5.74 -24.61
C LEU A 165 13.21 5.65 -24.30
N SER A 166 13.56 5.80 -23.03
CA SER A 166 14.96 5.70 -22.61
C SER A 166 15.22 4.34 -21.98
N VAL A 167 14.99 4.24 -20.67
CA VAL A 167 15.20 2.99 -19.94
C VAL A 167 14.01 2.63 -19.05
N PRO A 168 13.88 1.35 -18.69
CA PRO A 168 12.81 0.85 -17.84
C PRO A 168 12.80 1.57 -16.49
N CYS A 169 11.61 1.71 -15.90
CA CYS A 169 11.48 2.35 -14.60
C CYS A 169 12.40 1.67 -13.60
N MET A 170 12.96 2.46 -12.68
CA MET A 170 13.84 1.90 -11.66
C MET A 170 13.04 1.04 -10.70
N SER A 171 13.60 -0.11 -10.34
CA SER A 171 12.94 -1.02 -9.41
C SER A 171 14.02 -1.69 -8.56
N SER A 172 13.70 -1.90 -7.29
CA SER A 172 14.65 -2.55 -6.38
C SER A 172 14.24 -4.00 -6.19
N LYS A 173 15.23 -4.87 -6.09
CA LYS A 173 14.99 -6.30 -5.89
C LYS A 173 13.99 -6.49 -4.76
N PRO A 174 12.96 -7.33 -4.98
CA PRO A 174 11.95 -7.58 -3.96
C PRO A 174 12.58 -8.10 -2.67
N GLN A 175 12.08 -7.63 -1.53
CA GLN A 175 12.63 -8.07 -0.26
C GLN A 175 12.28 -9.54 -0.08
N LYS A 176 13.16 -10.26 0.61
CA LYS A 176 12.95 -11.67 0.87
C LYS A 176 11.67 -11.80 1.68
N PRO A 177 10.88 -12.85 1.41
CA PRO A 177 9.65 -13.00 2.19
C PRO A 177 10.03 -13.35 3.62
N TRP A 178 9.07 -13.28 4.52
CA TRP A 178 9.32 -13.61 5.92
C TRP A 178 9.55 -15.12 6.01
N GLU A 179 10.39 -15.53 6.94
CA GLU A 179 10.70 -16.95 7.14
C GLU A 179 9.44 -17.81 7.11
N LYS A 180 9.54 -18.97 6.46
CA LYS A 180 8.42 -19.89 6.35
C LYS A 180 7.94 -20.36 7.72
N ASP A 181 6.62 -20.44 7.89
CA ASP A 181 5.99 -20.89 9.12
C ASP A 181 6.52 -20.20 10.37
N ALA A 182 6.85 -18.91 10.26
CA ALA A 182 7.37 -18.17 11.41
C ALA A 182 6.34 -17.11 11.83
N TRP A 183 5.11 -17.55 12.10
CA TRP A 183 4.05 -16.65 12.52
C TRP A 183 4.18 -16.36 14.01
N GLU A 184 4.15 -17.41 14.83
CA GLU A 184 4.31 -17.23 16.26
C GLU A 184 5.78 -17.51 16.49
N ILE A 185 6.52 -16.49 16.90
CA ILE A 185 7.96 -16.62 17.11
C ILE A 185 8.39 -16.41 18.56
N PRO A 186 9.52 -17.01 18.94
CA PRO A 186 10.05 -16.89 20.30
C PRO A 186 10.45 -15.43 20.53
N ARG A 187 10.22 -14.94 21.74
CA ARG A 187 10.59 -13.57 22.06
C ARG A 187 12.10 -13.36 21.81
N GLU A 188 12.91 -14.36 22.15
CA GLU A 188 14.36 -14.22 21.98
C GLU A 188 14.85 -14.07 20.53
N SER A 189 14.00 -14.36 19.55
CA SER A 189 14.40 -14.24 18.15
C SER A 189 14.56 -12.77 17.76
N LEU A 190 13.95 -11.89 18.56
CA LEU A 190 14.01 -10.47 18.31
C LEU A 190 15.03 -9.76 19.22
N LYS A 191 15.76 -8.81 18.64
CA LYS A 191 16.71 -8.00 19.39
C LYS A 191 16.22 -6.56 19.29
N LEU A 192 15.57 -6.06 20.36
CA LEU A 192 15.04 -4.69 20.36
C LEU A 192 16.20 -3.72 20.58
N GLU A 193 16.33 -2.78 19.63
CA GLU A 193 17.45 -1.84 19.62
C GLU A 193 17.21 -0.41 20.11
N LYS A 194 16.25 0.29 19.50
CA LYS A 194 15.95 1.67 19.88
C LYS A 194 14.45 1.94 19.82
N LYS A 195 13.98 2.82 20.69
CA LYS A 195 12.57 3.16 20.76
C LYS A 195 12.19 4.12 19.64
N LEU A 196 11.21 3.75 18.83
CA LEU A 196 10.77 4.58 17.71
C LEU A 196 9.62 5.51 18.09
N GLY A 197 8.74 5.05 18.97
CA GLY A 197 7.61 5.88 19.37
C GLY A 197 6.82 5.25 20.50
N ALA A 198 5.92 6.02 21.08
CA ALA A 198 5.10 5.52 22.18
C ALA A 198 3.64 5.45 21.79
N GLY A 199 2.81 5.01 22.72
CA GLY A 199 1.39 4.89 22.49
C GLY A 199 0.71 4.67 23.82
N GLN A 200 -0.61 4.77 23.84
CA GLN A 200 -1.35 4.58 25.09
C GLN A 200 -1.49 3.13 25.53
N PHE A 201 -1.29 2.20 24.61
CA PHE A 201 -1.41 0.78 24.96
C PHE A 201 -0.14 -0.01 24.64
N GLY A 202 0.91 0.68 24.22
CA GLY A 202 2.14 0.00 23.89
C GLY A 202 3.13 0.92 23.20
N GLU A 203 4.38 0.48 23.13
CA GLU A 203 5.43 1.27 22.49
C GLU A 203 5.86 0.59 21.19
N VAL A 204 6.62 1.30 20.39
CA VAL A 204 7.11 0.75 19.14
C VAL A 204 8.62 0.85 19.12
N TRP A 205 9.26 -0.27 18.80
CA TRP A 205 10.72 -0.35 18.76
C TRP A 205 11.30 -0.87 17.45
N MET A 206 12.52 -0.44 17.15
CA MET A 206 13.25 -0.88 15.98
C MET A 206 13.92 -2.15 16.48
N ALA A 207 13.98 -3.20 15.65
CA ALA A 207 14.61 -4.44 16.08
C ALA A 207 15.10 -5.29 14.92
N THR A 208 15.85 -6.34 15.25
CA THR A 208 16.37 -7.27 14.26
C THR A 208 15.93 -8.68 14.64
N TYR A 209 15.33 -9.36 13.66
CA TYR A 209 14.86 -10.72 13.82
C TYR A 209 15.96 -11.69 13.39
N ASN A 210 16.33 -12.60 14.30
CA ASN A 210 17.38 -13.60 14.07
C ASN A 210 18.61 -13.09 13.33
N LYS A 211 19.07 -11.92 13.74
CA LYS A 211 20.25 -11.29 13.18
C LYS A 211 20.27 -11.09 11.67
N HIS A 212 19.13 -11.24 11.00
CA HIS A 212 19.12 -11.05 9.54
C HIS A 212 18.08 -10.09 8.97
N THR A 213 17.02 -9.80 9.73
CA THR A 213 15.99 -8.90 9.22
C THR A 213 15.56 -7.78 10.16
N LYS A 214 15.64 -6.55 9.65
CA LYS A 214 15.24 -5.36 10.38
C LYS A 214 13.71 -5.25 10.34
N VAL A 215 13.10 -5.05 11.51
CA VAL A 215 11.65 -4.95 11.63
C VAL A 215 11.27 -3.94 12.69
N ALA A 216 9.98 -3.62 12.76
CA ALA A 216 9.48 -2.72 13.78
C ALA A 216 8.71 -3.67 14.69
N VAL A 217 8.68 -3.39 15.98
CA VAL A 217 7.98 -4.25 16.92
C VAL A 217 7.11 -3.40 17.83
N LYS A 218 5.81 -3.67 17.84
CA LYS A 218 4.93 -2.95 18.73
C LYS A 218 4.77 -3.85 19.94
N THR A 219 5.04 -3.31 21.11
CA THR A 219 4.92 -4.04 22.37
C THR A 219 3.67 -3.52 23.10
N MET A 220 2.75 -4.42 23.43
CA MET A 220 1.51 -4.02 24.12
C MET A 220 1.68 -4.23 25.61
N LYS A 221 1.23 -3.27 26.43
CA LYS A 221 1.35 -3.43 27.87
C LYS A 221 0.49 -4.59 28.36
N PRO A 222 0.97 -5.31 29.38
CA PRO A 222 0.22 -6.45 29.91
C PRO A 222 -1.19 -6.03 30.32
N GLY A 223 -2.17 -6.88 30.02
CA GLY A 223 -3.54 -6.57 30.37
C GLY A 223 -4.24 -5.61 29.41
N SER A 224 -3.52 -5.10 28.41
CA SER A 224 -4.09 -4.17 27.44
C SER A 224 -5.05 -4.85 26.48
N MET A 225 -4.93 -6.16 26.36
CA MET A 225 -5.82 -6.89 25.48
C MET A 225 -5.96 -8.35 25.84
N SER A 226 -7.04 -8.96 25.36
CA SER A 226 -7.28 -10.38 25.59
C SER A 226 -6.29 -11.13 24.71
N VAL A 227 -5.42 -11.91 25.33
CA VAL A 227 -4.41 -12.64 24.56
C VAL A 227 -5.05 -13.57 23.54
N GLU A 228 -6.06 -14.33 23.95
CA GLU A 228 -6.71 -15.27 23.04
C GLU A 228 -7.42 -14.53 21.91
N ALA A 229 -8.16 -13.48 22.24
CA ALA A 229 -8.89 -12.73 21.22
C ALA A 229 -7.93 -12.03 20.27
N PHE A 230 -6.83 -11.51 20.80
CA PHE A 230 -5.84 -10.84 19.96
C PHE A 230 -5.36 -11.79 18.88
N LEU A 231 -4.92 -12.99 19.29
CA LEU A 231 -4.42 -13.99 18.36
C LEU A 231 -5.39 -14.29 17.22
N ALA A 232 -6.67 -14.45 17.57
CA ALA A 232 -7.68 -14.74 16.55
C ALA A 232 -7.77 -13.60 15.54
N GLU A 233 -7.74 -12.36 16.05
CA GLU A 233 -7.84 -11.18 15.21
C GLU A 233 -6.56 -11.00 14.37
N ALA A 234 -5.41 -11.27 14.99
CA ALA A 234 -4.14 -11.17 14.28
C ALA A 234 -4.12 -12.18 13.11
N ASN A 235 -4.82 -13.31 13.25
CA ASN A 235 -4.83 -14.27 12.14
C ASN A 235 -5.59 -13.75 10.92
N VAL A 236 -6.43 -12.73 11.11
CA VAL A 236 -7.17 -12.14 10.01
C VAL A 236 -6.29 -11.03 9.46
N MET A 237 -5.77 -10.21 10.37
CA MET A 237 -4.90 -9.09 10.01
C MET A 237 -3.81 -9.49 9.04
N LYS A 238 -3.09 -10.56 9.39
CA LYS A 238 -1.97 -11.03 8.59
C LYS A 238 -2.33 -11.34 7.14
N THR A 239 -3.60 -11.69 6.89
CA THR A 239 -4.03 -12.04 5.54
C THR A 239 -4.37 -10.82 4.68
N LEU A 240 -4.40 -9.65 5.29
CA LEU A 240 -4.76 -8.43 4.57
C LEU A 240 -3.50 -7.83 3.97
N GLN A 241 -3.02 -8.47 2.92
CA GLN A 241 -1.81 -8.06 2.22
C GLN A 241 -2.14 -7.21 1.02
N HIS A 242 -1.63 -5.99 1.03
CA HIS A 242 -1.86 -5.01 -0.03
C HIS A 242 -0.73 -3.97 0.06
N ASP A 243 -0.39 -3.36 -1.07
CA ASP A 243 0.69 -2.37 -1.09
C ASP A 243 0.42 -1.19 -0.17
N LYS A 244 -0.84 -0.91 0.11
CA LYS A 244 -1.16 0.22 0.97
C LYS A 244 -1.46 -0.13 2.44
N LEU A 245 -1.11 -1.35 2.84
CA LEU A 245 -1.29 -1.80 4.23
C LEU A 245 0.07 -2.29 4.74
N VAL A 246 0.43 -1.93 5.96
CA VAL A 246 1.71 -2.39 6.49
C VAL A 246 1.64 -3.90 6.65
N LYS A 247 2.73 -4.58 6.29
CA LYS A 247 2.79 -6.02 6.42
C LYS A 247 2.99 -6.42 7.87
N LEU A 248 2.23 -7.43 8.29
CA LEU A 248 2.31 -7.96 9.65
C LEU A 248 3.03 -9.32 9.53
N HIS A 249 4.30 -9.35 9.94
CA HIS A 249 5.12 -10.56 9.86
C HIS A 249 4.90 -11.66 10.90
N ALA A 250 4.78 -11.27 12.16
CA ALA A 250 4.66 -12.26 13.20
C ALA A 250 4.21 -11.65 14.51
N VAL A 251 4.06 -12.50 15.53
CA VAL A 251 3.65 -12.06 16.86
C VAL A 251 4.34 -12.91 17.92
N VAL A 252 4.47 -12.36 19.12
CA VAL A 252 5.01 -13.10 20.27
C VAL A 252 3.74 -13.17 21.09
N THR A 253 3.26 -14.40 21.32
CA THR A 253 1.98 -14.66 22.01
C THR A 253 1.87 -14.52 23.54
N LYS A 254 2.99 -14.40 24.25
CA LYS A 254 2.94 -14.28 25.71
C LYS A 254 3.13 -12.82 26.12
N GLU A 255 2.46 -12.38 27.18
CA GLU A 255 2.60 -10.99 27.60
C GLU A 255 4.03 -10.70 28.07
N PRO A 256 4.55 -9.53 27.71
CA PRO A 256 3.90 -8.50 26.91
C PRO A 256 3.87 -8.90 25.43
N ILE A 257 2.69 -8.80 24.81
CA ILE A 257 2.51 -9.19 23.41
C ILE A 257 3.32 -8.32 22.45
N TYR A 258 3.93 -8.97 21.44
CA TYR A 258 4.70 -8.28 20.40
C TYR A 258 4.02 -8.47 19.05
N ILE A 259 3.89 -7.38 18.30
CA ILE A 259 3.32 -7.42 16.95
C ILE A 259 4.46 -6.95 16.04
N ILE A 260 5.00 -7.87 15.25
CA ILE A 260 6.12 -7.57 14.38
C ILE A 260 5.68 -7.21 12.97
N THR A 261 6.08 -6.04 12.49
CA THR A 261 5.72 -5.59 11.15
C THR A 261 6.95 -5.10 10.41
N GLU A 262 6.74 -4.73 9.15
CA GLU A 262 7.84 -4.19 8.37
C GLU A 262 8.12 -2.80 8.95
N PHE A 263 9.36 -2.33 8.79
CA PHE A 263 9.76 -1.02 9.30
C PHE A 263 9.56 0.06 8.23
N MET A 264 8.94 1.16 8.61
CA MET A 264 8.70 2.27 7.69
C MET A 264 9.60 3.45 8.05
N ALA A 265 10.58 3.70 7.19
CA ALA A 265 11.57 4.75 7.39
C ALA A 265 11.11 6.14 7.77
N LYS A 266 9.97 6.58 7.24
CA LYS A 266 9.51 7.93 7.56
C LYS A 266 8.45 8.12 8.64
N GLY A 267 8.25 7.12 9.48
CA GLY A 267 7.29 7.23 10.57
C GLY A 267 5.83 7.37 10.19
N SER A 268 5.05 7.98 11.07
CA SER A 268 3.62 8.17 10.81
C SER A 268 3.42 9.35 9.90
N LEU A 269 2.32 9.32 9.14
CA LEU A 269 1.99 10.40 8.22
C LEU A 269 1.85 11.68 9.03
N LEU A 270 1.35 11.53 10.25
CA LEU A 270 1.17 12.67 11.12
C LEU A 270 2.52 13.37 11.37
N ASP A 271 3.51 12.63 11.86
CA ASP A 271 4.81 13.24 12.11
C ASP A 271 5.43 13.75 10.81
N PHE A 272 5.28 12.96 9.75
CA PHE A 272 5.82 13.35 8.45
C PHE A 272 5.26 14.67 7.94
N LEU A 273 3.95 14.85 8.07
CA LEU A 273 3.34 16.09 7.59
C LEU A 273 3.74 17.32 8.41
N LYS A 274 4.03 17.11 9.68
CA LYS A 274 4.42 18.21 10.57
C LYS A 274 5.91 18.49 10.50
N SER A 275 6.64 17.64 9.78
CA SER A 275 8.08 17.80 9.64
C SER A 275 8.38 18.76 8.50
N ASP A 276 9.66 19.05 8.29
CA ASP A 276 10.09 19.97 7.24
C ASP A 276 9.77 19.45 5.84
N GLU A 277 10.22 18.23 5.54
CA GLU A 277 9.96 17.65 4.24
C GLU A 277 8.45 17.54 4.00
N GLY A 278 7.70 17.41 5.08
CA GLY A 278 6.26 17.31 4.95
C GLY A 278 5.59 18.62 4.59
N SER A 279 6.09 19.72 5.16
CA SER A 279 5.52 21.04 4.89
C SER A 279 5.70 21.40 3.41
N LYS A 280 6.70 20.81 2.78
CA LYS A 280 6.98 21.10 1.37
C LYS A 280 6.17 20.27 0.37
N GLN A 281 5.30 19.40 0.87
CA GLN A 281 4.48 18.58 -0.01
C GLN A 281 3.32 19.41 -0.53
N PRO A 282 3.23 19.61 -1.85
CA PRO A 282 2.16 20.39 -2.48
C PRO A 282 0.78 19.72 -2.37
N LEU A 283 -0.28 20.51 -2.45
CA LEU A 283 -1.65 19.99 -2.35
C LEU A 283 -1.90 18.73 -3.20
N PRO A 284 -1.43 18.73 -4.46
CA PRO A 284 -1.64 17.55 -5.31
C PRO A 284 -1.01 16.30 -4.69
N LYS A 285 0.11 16.48 -4.00
CA LYS A 285 0.78 15.36 -3.37
C LYS A 285 -0.03 14.90 -2.16
N LEU A 286 -0.59 15.85 -1.43
CA LEU A 286 -1.39 15.51 -0.27
C LEU A 286 -2.63 14.73 -0.73
N ILE A 287 -3.17 15.12 -1.88
CA ILE A 287 -4.32 14.43 -2.42
C ILE A 287 -3.92 13.02 -2.81
N ASP A 288 -2.71 12.86 -3.36
CA ASP A 288 -2.27 11.53 -3.75
C ASP A 288 -2.11 10.64 -2.52
N PHE A 289 -1.64 11.23 -1.42
CA PHE A 289 -1.52 10.47 -0.17
C PHE A 289 -2.92 10.01 0.23
N SER A 290 -3.89 10.91 0.11
CA SER A 290 -5.28 10.57 0.45
C SER A 290 -5.82 9.46 -0.43
N ALA A 291 -5.44 9.49 -1.72
CA ALA A 291 -5.89 8.48 -2.67
C ALA A 291 -5.27 7.12 -2.34
N GLN A 292 -4.01 7.13 -1.91
CA GLN A 292 -3.35 5.88 -1.54
C GLN A 292 -4.04 5.22 -0.35
N ILE A 293 -4.36 6.03 0.64
CA ILE A 293 -5.03 5.53 1.84
C ILE A 293 -6.42 5.00 1.48
N ALA A 294 -7.13 5.77 0.66
CA ALA A 294 -8.46 5.37 0.22
C ALA A 294 -8.37 4.05 -0.51
N GLU A 295 -7.27 3.87 -1.23
CA GLU A 295 -7.04 2.64 -1.98
C GLU A 295 -6.88 1.47 -1.00
N GLY A 296 -6.11 1.73 0.06
CA GLY A 296 -5.90 0.73 1.08
C GLY A 296 -7.21 0.42 1.76
N MET A 297 -8.01 1.45 2.03
CA MET A 297 -9.30 1.24 2.68
C MET A 297 -10.31 0.54 1.76
N ALA A 298 -10.20 0.77 0.45
CA ALA A 298 -11.09 0.09 -0.48
C ALA A 298 -10.77 -1.41 -0.45
N PHE A 299 -9.50 -1.75 -0.25
CA PHE A 299 -9.09 -3.15 -0.15
C PHE A 299 -9.71 -3.76 1.11
N ILE A 300 -9.61 -3.04 2.22
CA ILE A 300 -10.18 -3.48 3.50
C ILE A 300 -11.70 -3.66 3.35
N GLU A 301 -12.31 -2.72 2.63
CA GLU A 301 -13.74 -2.75 2.35
C GLU A 301 -14.07 -4.04 1.58
N GLN A 302 -13.29 -4.34 0.55
CA GLN A 302 -13.52 -5.54 -0.26
C GLN A 302 -13.37 -6.84 0.51
N ARG A 303 -12.46 -6.84 1.48
CA ARG A 303 -12.21 -8.03 2.28
C ARG A 303 -13.12 -8.13 3.51
N ASN A 304 -14.06 -7.21 3.65
CA ASN A 304 -14.98 -7.19 4.79
C ASN A 304 -14.25 -7.11 6.14
N TYR A 305 -13.34 -6.16 6.25
CA TYR A 305 -12.67 -5.96 7.53
C TYR A 305 -12.97 -4.50 7.91
N ILE A 306 -12.51 -4.07 9.07
CA ILE A 306 -12.77 -2.71 9.52
C ILE A 306 -11.51 -2.23 10.22
N HIS A 307 -11.12 -0.98 9.96
CA HIS A 307 -9.92 -0.47 10.63
C HIS A 307 -10.19 -0.21 12.11
N ARG A 308 -11.22 0.60 12.40
CA ARG A 308 -11.65 0.95 13.74
C ARG A 308 -10.91 2.09 14.42
N ASP A 309 -9.75 2.46 13.89
CA ASP A 309 -8.99 3.58 14.47
C ASP A 309 -8.20 4.28 13.38
N LEU A 310 -8.90 4.65 12.31
CA LEU A 310 -8.26 5.31 11.19
C LEU A 310 -7.98 6.78 11.49
N ARG A 311 -6.71 7.17 11.37
CA ARG A 311 -6.27 8.54 11.62
C ARG A 311 -4.82 8.65 11.15
N ALA A 312 -4.35 9.87 10.92
CA ALA A 312 -2.99 10.09 10.42
C ALA A 312 -1.89 9.45 11.27
N ALA A 313 -2.14 9.30 12.56
CA ALA A 313 -1.15 8.68 13.43
C ALA A 313 -0.99 7.20 13.07
N ASN A 314 -2.05 6.62 12.48
CA ASN A 314 -2.01 5.21 12.10
C ASN A 314 -1.75 4.94 10.63
N ILE A 315 -1.17 5.92 9.96
CA ILE A 315 -0.77 5.76 8.58
C ILE A 315 0.76 5.89 8.64
N LEU A 316 1.49 4.96 8.03
CA LEU A 316 2.95 5.02 8.03
C LEU A 316 3.43 5.44 6.64
N VAL A 317 4.64 5.99 6.57
CA VAL A 317 5.20 6.45 5.31
C VAL A 317 6.54 5.80 5.03
N SER A 318 6.67 5.14 3.89
CA SER A 318 7.93 4.47 3.54
C SER A 318 8.96 5.49 3.05
N ALA A 319 10.17 5.03 2.80
CA ALA A 319 11.24 5.91 2.33
C ALA A 319 10.88 6.56 0.98
N SER A 320 10.07 5.87 0.18
CA SER A 320 9.66 6.40 -1.13
C SER A 320 8.34 7.19 -1.07
N LEU A 321 7.91 7.49 0.15
CA LEU A 321 6.69 8.25 0.40
C LEU A 321 5.39 7.50 0.10
N VAL A 322 5.41 6.17 0.21
CA VAL A 322 4.19 5.40 -0.02
C VAL A 322 3.48 5.21 1.33
N CYS A 323 2.17 5.43 1.32
CA CYS A 323 1.39 5.30 2.55
C CYS A 323 0.98 3.87 2.83
N LYS A 324 1.16 3.47 4.08
CA LYS A 324 0.80 2.13 4.51
C LYS A 324 -0.07 2.23 5.75
N ILE A 325 -1.31 1.75 5.62
CA ILE A 325 -2.26 1.77 6.73
C ILE A 325 -1.80 0.76 7.78
N ALA A 326 -1.74 1.23 9.04
CA ALA A 326 -1.32 0.40 10.16
C ALA A 326 -2.37 0.30 11.26
N ASP A 327 -2.22 -0.70 12.13
CA ASP A 327 -3.14 -0.88 13.26
C ASP A 327 -4.56 -1.26 12.88
N PHE A 328 -4.80 -1.68 11.64
CA PHE A 328 -6.16 -2.05 11.25
C PHE A 328 -6.73 -3.17 12.10
N GLY A 329 -7.90 -2.91 12.68
CA GLY A 329 -8.61 -3.87 13.51
C GLY A 329 -8.14 -4.08 14.94
N LEU A 330 -6.98 -3.54 15.28
CA LEU A 330 -6.42 -3.73 16.62
C LEU A 330 -7.31 -3.24 17.76
N ALA A 331 -8.03 -2.14 17.54
CA ALA A 331 -8.88 -1.57 18.57
C ALA A 331 -9.92 -2.52 19.11
N ARG A 332 -10.38 -3.46 18.29
CA ARG A 332 -11.40 -4.38 18.77
C ARG A 332 -10.95 -5.28 19.93
N VAL A 333 -9.66 -5.53 20.07
CA VAL A 333 -9.22 -6.38 21.18
C VAL A 333 -8.62 -5.66 22.39
N ILE A 334 -8.77 -4.34 22.47
CA ILE A 334 -8.28 -3.58 23.63
C ILE A 334 -9.24 -3.87 24.79
N GLU A 335 -8.72 -4.12 25.98
CA GLU A 335 -9.59 -4.43 27.12
C GLU A 335 -10.20 -3.24 27.87
N ASP A 336 -9.36 -2.23 28.13
CA ASP A 336 -9.76 -1.02 28.84
C ASP A 336 -11.26 -0.72 28.88
N ASN A 337 -11.85 -0.81 30.07
CA ASN A 337 -13.27 -0.57 30.28
C ASN A 337 -13.79 0.72 29.64
N GLU A 338 -13.06 1.82 29.79
CA GLU A 338 -13.49 3.09 29.21
C GLU A 338 -13.43 3.03 27.68
N TYR A 339 -12.32 2.49 27.16
CA TYR A 339 -12.13 2.40 25.72
C TYR A 339 -13.25 1.56 25.10
N THR A 340 -13.60 0.45 25.76
CA THR A 340 -14.67 -0.41 25.25
C THR A 340 -16.00 0.34 25.17
N ALA A 341 -16.18 1.32 26.04
CA ALA A 341 -17.42 2.10 26.04
C ALA A 341 -17.26 3.39 25.24
N ARG A 342 -16.21 3.46 24.42
CA ARG A 342 -15.94 4.64 23.61
C ARG A 342 -15.93 5.90 24.48
N GLU A 343 -15.26 5.84 25.62
CA GLU A 343 -15.18 6.98 26.55
C GLU A 343 -13.76 7.12 27.07
N GLY A 344 -13.42 8.31 27.57
CA GLY A 344 -12.08 8.50 28.11
C GLY A 344 -11.11 9.25 27.23
N ALA A 345 -9.97 9.61 27.80
CA ALA A 345 -8.94 10.36 27.09
C ALA A 345 -8.09 9.46 26.20
N LYS A 346 -8.36 8.17 26.23
CA LYS A 346 -7.61 7.25 25.39
C LYS A 346 -8.35 6.94 24.08
N PHE A 347 -9.67 7.11 24.10
CA PHE A 347 -10.49 6.82 22.92
C PHE A 347 -10.49 7.96 21.90
N PRO A 348 -10.35 7.63 20.60
CA PRO A 348 -10.31 8.55 19.46
C PRO A 348 -11.66 9.18 19.08
N ILE A 349 -12.34 9.77 20.05
CA ILE A 349 -13.65 10.40 19.83
C ILE A 349 -13.75 11.30 18.61
N LYS A 350 -12.78 12.19 18.44
CA LYS A 350 -12.84 13.12 17.32
C LYS A 350 -12.85 12.49 15.91
N TRP A 351 -12.39 11.24 15.80
CA TRP A 351 -12.32 10.53 14.50
C TRP A 351 -13.42 9.49 14.36
N THR A 352 -14.17 9.26 15.44
CA THR A 352 -15.18 8.21 15.43
C THR A 352 -16.60 8.59 15.07
N ALA A 353 -17.22 7.76 14.23
CA ALA A 353 -18.59 7.97 13.78
C ALA A 353 -19.57 7.94 14.95
N PRO A 354 -20.57 8.83 14.94
CA PRO A 354 -21.56 8.90 16.01
C PRO A 354 -22.19 7.57 16.41
N GLU A 355 -22.52 6.72 15.43
CA GLU A 355 -23.13 5.44 15.78
C GLU A 355 -22.12 4.47 16.41
N ALA A 356 -20.84 4.66 16.13
CA ALA A 356 -19.82 3.78 16.69
C ALA A 356 -19.60 4.19 18.15
N ILE A 357 -19.61 5.49 18.40
CA ILE A 357 -19.42 5.99 19.76
C ILE A 357 -20.63 5.65 20.62
N ASN A 358 -21.83 5.89 20.08
CA ASN A 358 -23.06 5.63 20.83
C ASN A 358 -23.49 4.18 21.01
N PHE A 359 -23.34 3.35 20.00
CA PHE A 359 -23.76 1.96 20.16
C PHE A 359 -22.67 0.95 19.86
N GLY A 360 -21.46 1.43 19.64
CA GLY A 360 -20.38 0.52 19.32
C GLY A 360 -20.66 -0.17 17.99
N SER A 361 -21.34 0.55 17.10
CA SER A 361 -21.69 0.02 15.78
C SER A 361 -20.57 0.27 14.78
N PHE A 362 -19.48 -0.49 14.88
CA PHE A 362 -18.37 -0.33 13.97
C PHE A 362 -18.63 -1.09 12.67
N THR A 363 -18.45 -0.40 11.55
CA THR A 363 -18.63 -1.01 10.23
C THR A 363 -17.70 -0.27 9.29
N ILE A 364 -17.64 -0.71 8.03
CA ILE A 364 -16.79 -0.02 7.09
C ILE A 364 -17.30 1.43 6.93
N LYS A 365 -18.57 1.68 7.24
CA LYS A 365 -19.11 3.04 7.14
C LYS A 365 -18.61 3.96 8.25
N SER A 366 -18.33 3.41 9.45
CA SER A 366 -17.81 4.25 10.52
C SER A 366 -16.38 4.63 10.14
N ASP A 367 -15.67 3.75 9.41
CA ASP A 367 -14.32 4.07 8.94
C ASP A 367 -14.41 5.21 7.91
N VAL A 368 -15.43 5.20 7.07
CA VAL A 368 -15.57 6.25 6.07
C VAL A 368 -15.63 7.59 6.80
N TRP A 369 -16.41 7.65 7.87
CA TRP A 369 -16.48 8.89 8.65
C TRP A 369 -15.04 9.26 9.07
N SER A 370 -14.32 8.28 9.63
CA SER A 370 -12.95 8.51 10.07
C SER A 370 -12.05 9.03 8.94
N PHE A 371 -12.20 8.48 7.75
CA PHE A 371 -11.40 8.90 6.60
C PHE A 371 -11.63 10.39 6.33
N GLY A 372 -12.85 10.85 6.55
CA GLY A 372 -13.17 12.26 6.34
C GLY A 372 -12.38 13.11 7.30
N ILE A 373 -12.32 12.70 8.56
CA ILE A 373 -11.55 13.45 9.55
C ILE A 373 -10.08 13.39 9.12
N LEU A 374 -9.63 12.22 8.67
CA LEU A 374 -8.25 12.04 8.21
C LEU A 374 -7.94 12.97 7.04
N LEU A 375 -8.89 13.14 6.14
CA LEU A 375 -8.70 14.03 5.00
C LEU A 375 -8.35 15.42 5.49
N MET A 376 -9.07 15.87 6.53
CA MET A 376 -8.84 17.19 7.10
C MET A 376 -7.46 17.26 7.76
N GLU A 377 -7.05 16.19 8.45
CA GLU A 377 -5.72 16.22 9.06
C GLU A 377 -4.68 16.41 7.97
N ILE A 378 -4.82 15.67 6.88
CA ILE A 378 -3.88 15.74 5.78
C ILE A 378 -3.80 17.10 5.11
N VAL A 379 -4.95 17.65 4.73
CA VAL A 379 -4.98 18.95 4.05
C VAL A 379 -4.52 20.08 4.98
N THR A 380 -4.48 19.83 6.28
CA THR A 380 -4.04 20.85 7.23
C THR A 380 -2.66 20.53 7.79
N TYR A 381 -1.98 19.57 7.17
CA TYR A 381 -0.64 19.18 7.61
C TYR A 381 -0.54 18.62 9.03
N GLY A 382 -1.53 17.81 9.44
CA GLY A 382 -1.49 17.22 10.76
C GLY A 382 -2.14 17.96 11.91
N ARG A 383 -2.85 19.05 11.61
CA ARG A 383 -3.51 19.80 12.67
C ARG A 383 -4.51 18.89 13.37
N ILE A 384 -4.72 19.13 14.66
CA ILE A 384 -5.66 18.33 15.44
C ILE A 384 -7.10 18.67 14.97
N PRO A 385 -8.00 17.67 14.96
CA PRO A 385 -9.39 17.88 14.56
C PRO A 385 -10.11 18.70 15.64
N TYR A 386 -11.17 19.42 15.26
CA TYR A 386 -11.94 20.25 16.19
C TYR A 386 -11.01 20.94 17.19
N PRO A 387 -10.10 21.78 16.70
CA PRO A 387 -9.13 22.51 17.54
C PRO A 387 -9.78 23.33 18.64
N GLY A 388 -9.44 23.02 19.89
CA GLY A 388 -9.97 23.75 21.02
C GLY A 388 -11.24 23.17 21.63
N MET A 389 -11.85 22.20 20.96
CA MET A 389 -13.08 21.60 21.47
C MET A 389 -12.77 20.34 22.27
N SER A 390 -13.63 20.05 23.25
CA SER A 390 -13.45 18.86 24.07
C SER A 390 -14.32 17.76 23.49
N ASN A 391 -14.05 16.53 23.90
CA ASN A 391 -14.83 15.39 23.40
C ASN A 391 -16.33 15.57 23.61
N PRO A 392 -16.75 16.03 24.79
CA PRO A 392 -18.18 16.21 25.05
C PRO A 392 -18.79 17.26 24.13
N GLU A 393 -18.03 18.32 23.85
CA GLU A 393 -18.50 19.40 22.99
C GLU A 393 -18.60 18.95 21.54
N VAL A 394 -17.67 18.11 21.10
CA VAL A 394 -17.67 17.62 19.73
C VAL A 394 -18.89 16.72 19.52
N ILE A 395 -19.11 15.81 20.47
CA ILE A 395 -20.24 14.89 20.40
C ILE A 395 -21.56 15.66 20.34
N ARG A 396 -21.65 16.72 21.15
CA ARG A 396 -22.84 17.56 21.18
C ARG A 396 -23.04 18.37 19.90
N ALA A 397 -21.95 19.00 19.44
CA ALA A 397 -22.01 19.80 18.23
C ALA A 397 -22.44 18.98 17.01
N LEU A 398 -21.85 17.79 16.85
CA LEU A 398 -22.17 16.93 15.71
C LEU A 398 -23.65 16.55 15.72
N GLU A 399 -24.18 16.31 16.91
CA GLU A 399 -25.59 15.96 17.05
C GLU A 399 -26.45 17.16 16.62
N ARG A 400 -25.91 18.36 16.82
CA ARG A 400 -26.61 19.60 16.47
C ARG A 400 -26.55 19.90 14.97
N GLY A 401 -25.55 19.34 14.29
CA GLY A 401 -25.43 19.56 12.86
C GLY A 401 -24.11 20.20 12.50
N TYR A 402 -23.32 20.55 13.51
CA TYR A 402 -22.03 21.17 13.29
C TYR A 402 -21.08 20.24 12.56
N ARG A 403 -20.19 20.83 11.77
CA ARG A 403 -19.17 20.09 11.04
C ARG A 403 -18.00 21.07 10.91
N MET A 404 -16.77 20.59 11.04
CA MET A 404 -15.62 21.47 10.91
C MET A 404 -15.71 22.22 9.59
N PRO A 405 -15.47 23.53 9.62
CA PRO A 405 -15.51 24.40 8.43
C PRO A 405 -14.35 24.08 7.48
N ARG A 406 -14.45 24.51 6.23
CA ARG A 406 -13.41 24.28 5.25
C ARG A 406 -12.23 25.24 5.40
N PRO A 407 -11.00 24.71 5.52
CA PRO A 407 -9.80 25.53 5.66
C PRO A 407 -9.50 26.29 4.37
N GLU A 408 -8.75 27.38 4.46
CA GLU A 408 -8.42 28.19 3.29
C GLU A 408 -7.72 27.44 2.15
N ASN A 409 -6.74 26.62 2.49
CA ASN A 409 -6.01 25.87 1.46
C ASN A 409 -6.66 24.54 1.08
N CYS A 410 -7.95 24.42 1.34
CA CYS A 410 -8.67 23.19 1.02
C CYS A 410 -9.69 23.43 -0.08
N PRO A 411 -9.47 22.87 -1.27
CA PRO A 411 -10.40 23.04 -2.38
C PRO A 411 -11.80 22.60 -1.99
N GLU A 412 -12.81 23.27 -2.52
CA GLU A 412 -14.20 22.93 -2.23
C GLU A 412 -14.54 21.50 -2.58
N GLU A 413 -14.02 21.02 -3.70
CA GLU A 413 -14.30 19.65 -4.12
C GLU A 413 -13.80 18.65 -3.09
N LEU A 414 -12.66 18.93 -2.48
CA LEU A 414 -12.11 18.02 -1.49
C LEU A 414 -12.96 18.11 -0.22
N TYR A 415 -13.41 19.32 0.11
CA TYR A 415 -14.24 19.52 1.27
C TYR A 415 -15.59 18.81 1.07
N ASN A 416 -16.11 18.85 -0.15
CA ASN A 416 -17.38 18.19 -0.42
C ASN A 416 -17.31 16.70 -0.10
N ILE A 417 -16.18 16.08 -0.41
CA ILE A 417 -16.01 14.67 -0.12
C ILE A 417 -16.04 14.46 1.40
N MET A 418 -15.32 15.31 2.14
CA MET A 418 -15.32 15.22 3.60
C MET A 418 -16.77 15.25 4.09
N MET A 419 -17.53 16.23 3.64
CA MET A 419 -18.92 16.39 4.06
C MET A 419 -19.76 15.14 3.81
N ARG A 420 -19.48 14.44 2.72
CA ARG A 420 -20.23 13.23 2.43
C ARG A 420 -19.82 12.12 3.40
N CYS A 421 -18.56 12.13 3.80
CA CYS A 421 -18.07 11.14 4.75
C CYS A 421 -18.72 11.34 6.11
N TRP A 422 -19.03 12.59 6.43
CA TRP A 422 -19.64 12.91 7.73
C TRP A 422 -21.16 12.96 7.78
N LYS A 423 -21.82 12.12 6.97
CA LYS A 423 -23.27 12.09 7.00
C LYS A 423 -23.67 11.36 8.27
N ASN A 424 -24.71 11.85 8.92
CA ASN A 424 -25.16 11.22 10.14
C ASN A 424 -25.62 9.80 9.87
N ARG A 425 -26.31 9.59 8.76
CA ARG A 425 -26.77 8.24 8.43
C ARG A 425 -25.64 7.48 7.74
N PRO A 426 -25.14 6.40 8.37
CA PRO A 426 -24.05 5.65 7.74
C PRO A 426 -24.29 5.20 6.31
N GLU A 427 -25.51 4.76 5.98
CA GLU A 427 -25.75 4.30 4.62
C GLU A 427 -25.68 5.40 3.58
N GLU A 428 -25.65 6.65 4.03
CA GLU A 428 -25.57 7.76 3.10
C GLU A 428 -24.14 8.22 2.82
N ARG A 429 -23.17 7.58 3.48
CA ARG A 429 -21.75 7.88 3.25
C ARG A 429 -21.31 7.04 2.05
N PRO A 430 -20.41 7.58 1.22
CA PRO A 430 -19.95 6.83 0.05
C PRO A 430 -19.08 5.62 0.44
N THR A 431 -18.83 4.73 -0.53
CA THR A 431 -17.97 3.59 -0.27
C THR A 431 -16.54 4.06 -0.51
N PHE A 432 -15.56 3.30 -0.01
CA PHE A 432 -14.16 3.66 -0.23
C PHE A 432 -13.82 3.44 -1.70
N GLU A 433 -14.53 2.51 -2.33
CA GLU A 433 -14.31 2.25 -3.76
C GLU A 433 -14.59 3.55 -4.51
N TYR A 434 -15.68 4.24 -4.15
CA TYR A 434 -16.05 5.49 -4.81
C TYR A 434 -15.02 6.57 -4.46
N ILE A 435 -14.76 6.74 -3.17
CA ILE A 435 -13.80 7.72 -2.69
C ILE A 435 -12.45 7.59 -3.39
N GLN A 436 -11.99 6.36 -3.56
CA GLN A 436 -10.71 6.13 -4.24
C GLN A 436 -10.82 6.61 -5.68
N SER A 437 -11.92 6.27 -6.34
CA SER A 437 -12.10 6.67 -7.73
C SER A 437 -12.04 8.19 -7.83
N VAL A 438 -12.76 8.89 -6.96
CA VAL A 438 -12.75 10.35 -7.01
C VAL A 438 -11.37 10.96 -6.72
N LEU A 439 -10.65 10.41 -5.75
CA LEU A 439 -9.33 10.95 -5.44
C LEU A 439 -8.25 10.58 -6.45
N ASP A 440 -8.27 9.36 -6.99
CA ASP A 440 -7.24 9.01 -7.98
C ASP A 440 -7.30 9.95 -9.17
N ASP A 441 -8.50 10.32 -9.57
CA ASP A 441 -8.66 11.19 -10.74
C ASP A 441 -9.13 12.60 -10.39
N PHE A 442 -8.76 13.06 -9.19
CA PHE A 442 -9.17 14.37 -8.72
C PHE A 442 -8.73 15.50 -9.66
N TYR A 443 -7.56 15.32 -10.29
CA TYR A 443 -7.01 16.33 -11.19
C TYR A 443 -6.99 16.01 -12.68
N THR A 444 -6.23 16.84 -13.39
CA THR A 444 -6.09 16.74 -14.85
C THR A 444 -7.54 16.84 -15.35
N ALA A 445 -8.21 17.89 -14.88
CA ALA A 445 -9.60 18.25 -15.17
C ALA A 445 -10.41 17.36 -16.12
N THR A 446 -10.57 17.80 -17.36
CA THR A 446 -11.28 17.03 -18.40
C THR A 446 -10.35 15.80 -18.48
N GLU A 447 -10.50 14.91 -19.47
CA GLU A 447 -9.61 13.73 -19.55
C GLU A 447 -10.30 12.39 -19.70
N SER A 448 -9.55 11.46 -20.26
CA SER A 448 -9.97 10.08 -20.44
C SER A 448 -8.56 9.50 -20.39
N GLN A 449 -7.81 9.95 -19.38
CA GLN A 449 -6.43 9.55 -19.12
C GLN A 449 -5.96 8.37 -19.95
N GLU A 451 -3.51 9.00 -23.33
CA GLU A 451 -3.04 9.76 -24.47
C GLU A 451 -3.39 8.92 -25.68
N GLU A 452 -4.00 9.51 -26.69
CA GLU A 452 -4.31 8.74 -27.88
C GLU A 452 -3.17 9.09 -28.84
N ILE A 453 -2.72 8.12 -29.64
CA ILE A 453 -1.61 8.42 -30.54
C ILE A 453 -1.99 8.45 -32.01
N PRO A 454 -1.81 9.59 -32.66
CA PRO A 454 -1.40 10.99 -32.71
C PRO A 454 -2.46 11.95 -33.29
#